data_3I78
#
_entry.id   3I78
#
_cell.length_a   113.710
_cell.length_b   113.710
_cell.length_c   52.616
_cell.angle_alpha   90.000
_cell.angle_beta   90.000
_cell.angle_gamma   120.000
#
_symmetry.space_group_name_H-M   'P 32 2 1'
#
loop_
_entity.id
_entity.type
_entity.pdbx_description
1 polymer Trypsin
2 non-polymer 'SODIUM ION'
3 non-polymer BENZAMIDINE
4 non-polymer 'SULFATE ION'
#
_entity_poly.entity_id   1
_entity_poly.type   'polypeptide(L)'
_entity_poly.pdbx_seq_one_letter_code
;VVGGTRAAQGEFPFMVRLINEENEGFCGGALYAQDIVLTAAHCVSGSGNNTSITATGGVVDLQSSSAVKVRSTKVLQAPG
FTKETYGKDWALIKLAQPINQPTLKIATTTAYNQGTFTVAGWGANREGGSQQRYLLKANVPFVSDAACRSSSSFILVANE
MICAGYDTKQEDTCQGDSGGPMFRKDNADEWVQVGIVSWGEGCARKGKYGVYTEVSTFASAIASAARTL
;
_entity_poly.pdbx_strand_id   A
#
loop_
_chem_comp.id
_chem_comp.type
_chem_comp.name
_chem_comp.formula
BEN non-polymer BENZAMIDINE 'C7 H8 N2'
NA non-polymer 'SODIUM ION' 'Na 1'
SO4 non-polymer 'SULFATE ION' 'O4 S -2'
#
# COMPACT_ATOMS: atom_id res chain seq x y z
N VAL A 1 4.84 1.80 10.66
CA VAL A 1 4.18 3.14 10.58
C VAL A 1 4.64 4.07 11.73
N VAL A 2 5.45 5.07 11.39
CA VAL A 2 6.09 5.95 12.38
C VAL A 2 5.10 6.84 13.07
N GLY A 3 5.02 6.72 14.40
CA GLY A 3 4.13 7.54 15.22
C GLY A 3 2.66 7.42 14.84
N GLY A 4 2.18 6.18 14.81
CA GLY A 4 0.79 5.95 14.56
C GLY A 4 0.15 5.40 15.81
N THR A 5 -1.17 5.34 15.77
CA THR A 5 -1.94 4.71 16.83
C THR A 5 -2.48 3.39 16.30
N ARG A 6 -3.21 2.68 17.15
CA ARG A 6 -3.71 1.35 16.81
C ARG A 6 -4.99 1.40 16.02
N ALA A 7 -5.01 0.69 14.90
CA ALA A 7 -6.25 0.41 14.20
C ALA A 7 -7.15 -0.37 15.13
N ALA A 8 -8.40 0.05 15.20
CA ALA A 8 -9.41 -0.71 15.88
C ALA A 8 -9.67 -1.92 15.01
N GLN A 9 -9.96 -3.04 15.66
CA GLN A 9 -10.34 -4.27 14.99
C GLN A 9 -11.53 -3.96 14.08
N GLY A 10 -11.38 -4.32 12.79
CA GLY A 10 -12.45 -4.20 11.80
C GLY A 10 -12.57 -2.82 11.15
N GLU A 11 -11.77 -1.86 11.63
CA GLU A 11 -11.83 -0.49 11.15
C GLU A 11 -11.53 -0.47 9.66
N PHE A 12 -10.29 -0.74 9.27
CA PHE A 12 -10.03 -0.87 7.83
C PHE A 12 -9.88 -2.35 7.44
N PRO A 13 -11.00 -2.99 7.15
CA PRO A 13 -10.94 -4.44 7.07
C PRO A 13 -10.61 -4.99 5.69
N PHE A 14 -10.27 -4.11 4.76
CA PHE A 14 -9.81 -4.48 3.43
C PHE A 14 -8.30 -4.68 3.47
N MET A 15 -7.74 -4.46 4.66
CA MET A 15 -6.31 -4.60 4.93
C MET A 15 -5.81 -6.02 4.82
N VAL A 16 -4.65 -6.19 4.19
CA VAL A 16 -3.97 -7.48 4.13
C VAL A 16 -2.50 -7.34 4.61
N ARG A 17 -2.03 -8.34 5.35
CA ARG A 17 -0.60 -8.47 5.60
C ARG A 17 0.03 -9.62 4.78
N LEU A 18 1.04 -9.26 3.99
CA LEU A 18 1.59 -10.11 2.95
C LEU A 18 2.95 -10.63 3.31
N ILE A 19 3.19 -11.92 3.11
CA ILE A 19 4.49 -12.51 3.34
C ILE A 19 4.88 -13.44 2.24
N ASN A 20 5.95 -13.10 1.55
CA ASN A 20 6.34 -13.80 0.37
C ASN A 20 7.47 -14.75 0.61
N GLU A 21 7.11 -15.92 1.06
CA GLU A 21 8.07 -16.95 1.29
C GLU A 21 8.89 -17.25 0.09
N GLU A 22 8.91 -16.37 -0.89
CA GLU A 22 9.70 -16.68 -2.06
C GLU A 22 10.82 -15.73 -2.14
N ASN A 23 10.50 -14.46 -2.05
CA ASN A 23 11.52 -13.46 -2.04
C ASN A 23 11.79 -13.00 -0.64
N GLU A 24 11.14 -13.62 0.32
CA GLU A 24 11.45 -13.37 1.70
C GLU A 24 10.96 -12.00 2.12
N GLY A 25 9.74 -11.68 1.75
CA GLY A 25 9.29 -10.29 1.81
C GLY A 25 7.97 -9.96 2.48
N PHE A 26 7.96 -8.87 3.25
CA PHE A 26 6.79 -8.49 4.05
C PHE A 26 6.15 -7.15 3.64
N CYS A 27 4.97 -7.22 3.03
CA CYS A 27 4.27 -6.02 2.56
C CYS A 27 2.91 -5.83 3.17
N GLY A 28 2.28 -4.72 2.78
CA GLY A 28 0.87 -4.50 3.01
C GLY A 28 0.11 -4.76 1.73
N GLY A 29 -1.21 -4.75 1.81
CA GLY A 29 -2.02 -4.86 0.63
C GLY A 29 -3.46 -4.55 0.95
N ALA A 30 -4.24 -4.35 -0.11
CA ALA A 30 -5.69 -4.18 -0.02
C ALA A 30 -6.42 -5.14 -0.98
N LEU A 31 -7.57 -5.65 -0.50
CA LEU A 31 -8.50 -6.49 -1.28
C LEU A 31 -9.21 -5.65 -2.29
N TYR A 32 -8.72 -5.68 -3.52
CA TYR A 32 -9.38 -5.02 -4.64
C TYR A 32 -10.69 -5.74 -4.95
N ALA A 33 -10.59 -7.05 -5.14
CA ALA A 33 -11.69 -8.01 -4.92
C ALA A 33 -11.36 -8.88 -3.70
N GLN A 34 -12.36 -9.60 -3.20
CA GLN A 34 -12.19 -10.51 -2.04
C GLN A 34 -11.12 -11.64 -2.23
N ASP A 35 -10.74 -11.94 -3.47
CA ASP A 35 -9.63 -12.83 -3.70
C ASP A 35 -8.55 -12.20 -4.60
N ILE A 36 -8.64 -10.89 -4.80
CA ILE A 36 -7.55 -10.17 -5.46
C ILE A 36 -7.04 -9.04 -4.58
N VAL A 37 -5.73 -9.01 -4.36
CA VAL A 37 -5.10 -7.98 -3.52
C VAL A 37 -4.34 -6.96 -4.35
N LEU A 38 -4.59 -5.69 -4.06
CA LEU A 38 -3.76 -4.61 -4.59
C LEU A 38 -2.58 -4.35 -3.70
N THR A 39 -1.40 -4.17 -4.31
CA THR A 39 -0.13 -4.00 -3.60
C THR A 39 0.99 -3.40 -4.45
N ALA A 40 2.19 -3.39 -3.91
CA ALA A 40 3.34 -2.76 -4.56
C ALA A 40 3.97 -3.69 -5.57
N ALA A 41 4.41 -3.14 -6.70
CA ALA A 41 5.16 -3.96 -7.66
C ALA A 41 6.42 -4.58 -7.06
N HIS A 42 7.15 -3.80 -6.26
CA HIS A 42 8.46 -4.22 -5.74
C HIS A 42 8.33 -5.18 -4.58
N CYS A 43 7.11 -5.53 -4.22
CA CYS A 43 6.86 -6.45 -3.14
C CYS A 43 6.87 -7.87 -3.64
N VAL A 44 7.02 -8.01 -4.96
CA VAL A 44 6.94 -9.29 -5.67
C VAL A 44 7.97 -9.27 -6.77
N SER A 45 8.20 -10.44 -7.37
CA SER A 45 9.36 -10.58 -8.22
C SER A 45 9.11 -10.57 -9.73
N GLY A 46 8.27 -11.48 -10.21
CA GLY A 46 7.85 -11.43 -11.60
C GLY A 46 6.33 -11.51 -11.70
N SER A 47 5.84 -11.60 -12.94
CA SER A 47 4.43 -11.92 -13.18
C SER A 47 4.30 -13.44 -13.36
N GLY A 48 3.06 -13.92 -13.43
CA GLY A 48 2.81 -15.35 -13.64
C GLY A 48 2.23 -16.03 -12.42
N ASN A 49 2.23 -17.37 -12.46
CA ASN A 49 1.62 -18.16 -11.38
C ASN A 49 2.57 -18.31 -10.20
N ASN A 50 2.03 -18.21 -8.99
CA ASN A 50 2.85 -18.25 -7.78
C ASN A 50 2.06 -18.71 -6.57
N THR A 51 2.44 -19.86 -6.03
CA THR A 51 1.68 -20.49 -4.94
C THR A 51 2.21 -20.05 -3.56
N SER A 52 3.21 -19.16 -3.60
CA SER A 52 4.16 -18.85 -2.50
C SER A 52 3.76 -17.84 -1.41
N ILE A 53 2.93 -16.87 -1.78
CA ILE A 53 2.60 -15.73 -0.93
C ILE A 53 1.41 -15.98 0.00
N THR A 54 1.50 -15.47 1.20
CA THR A 54 0.52 -15.70 2.22
C THR A 54 -0.07 -14.39 2.71
N ALA A 55 -1.27 -14.11 2.26
CA ALA A 55 -2.02 -12.97 2.72
C ALA A 55 -2.78 -13.35 3.96
N THR A 56 -2.62 -12.54 5.00
CA THR A 56 -3.38 -12.71 6.20
C THR A 56 -4.36 -11.57 6.25
N GLY A 57 -5.59 -11.84 6.68
CA GLY A 57 -6.59 -10.78 6.77
C GLY A 57 -7.51 -10.86 7.98
N GLY A 58 -8.48 -9.97 8.03
CA GLY A 58 -9.53 -10.04 9.04
C GLY A 58 -9.12 -9.58 10.42
N VAL A 59 -7.86 -9.77 10.77
CA VAL A 59 -7.36 -9.34 12.07
C VAL A 59 -6.48 -8.12 11.92
N VAL A 60 -6.45 -7.28 12.95
CA VAL A 60 -5.48 -6.19 13.03
C VAL A 60 -4.27 -6.71 13.83
N ASP A 61 -4.50 -7.82 14.53
CA ASP A 61 -3.49 -8.45 15.39
C ASP A 61 -2.96 -9.66 14.67
N LEU A 62 -1.73 -9.58 14.21
CA LEU A 62 -1.21 -10.56 13.32
C LEU A 62 -1.25 -11.95 13.86
N GLN A 63 -1.59 -12.11 15.12
CA GLN A 63 -1.57 -13.44 15.69
C GLN A 63 -2.95 -14.07 15.94
N SER A 64 -3.91 -13.32 16.44
CA SER A 64 -5.21 -13.90 16.72
C SER A 64 -5.55 -15.18 16.01
N SER A 65 -5.86 -16.20 16.78
CA SER A 65 -6.61 -17.33 16.31
C SER A 65 -7.31 -17.11 15.02
N SER A 66 -7.82 -15.90 14.81
CA SER A 66 -8.84 -15.68 13.80
C SER A 66 -8.36 -15.26 12.42
N ALA A 67 -7.17 -14.71 12.33
CA ALA A 67 -6.70 -14.37 11.02
C ALA A 67 -7.17 -15.41 10.00
N VAL A 68 -7.30 -14.99 8.75
CA VAL A 68 -7.47 -15.86 7.61
C VAL A 68 -6.21 -15.83 6.72
N LYS A 69 -5.48 -16.94 6.66
CA LYS A 69 -4.32 -17.08 5.75
C LYS A 69 -4.70 -17.74 4.42
N VAL A 70 -4.41 -17.07 3.30
CA VAL A 70 -4.75 -17.63 1.98
C VAL A 70 -3.56 -17.53 1.04
N ARG A 71 -3.22 -18.64 0.36
CA ARG A 71 -2.06 -18.63 -0.55
C ARG A 71 -2.34 -18.07 -1.92
N SER A 72 -1.37 -17.34 -2.42
CA SER A 72 -1.47 -16.78 -3.76
C SER A 72 -1.55 -17.89 -4.80
N THR A 73 -2.11 -17.56 -5.95
CA THR A 73 -2.27 -18.50 -7.04
C THR A 73 -1.52 -17.98 -8.27
N LYS A 74 -1.77 -16.70 -8.58
CA LYS A 74 -0.98 -15.98 -9.59
C LYS A 74 -0.80 -14.50 -9.27
N VAL A 75 0.30 -13.97 -9.79
CA VAL A 75 0.78 -12.65 -9.43
C VAL A 75 0.85 -11.87 -10.72
N LEU A 76 0.28 -10.66 -10.70
CA LEU A 76 0.45 -9.76 -11.81
C LEU A 76 1.15 -8.44 -11.50
N GLN A 77 2.42 -8.39 -11.87
CA GLN A 77 3.24 -7.20 -11.69
C GLN A 77 3.14 -6.31 -12.92
N ALA A 78 2.67 -5.08 -12.72
CA ALA A 78 2.72 -4.01 -13.71
C ALA A 78 3.90 -4.20 -14.66
N PRO A 79 3.63 -4.45 -15.95
CA PRO A 79 4.81 -4.54 -16.80
C PRO A 79 5.36 -3.12 -16.94
N GLY A 80 6.65 -2.93 -16.87
CA GLY A 80 7.13 -1.59 -16.96
C GLY A 80 7.46 -1.00 -15.62
N PHE A 81 7.32 -1.77 -14.58
CA PHE A 81 7.79 -1.27 -13.31
C PHE A 81 9.28 -1.40 -13.34
N THR A 82 10.00 -0.33 -13.05
CA THR A 82 11.45 -0.45 -12.96
C THR A 82 11.97 -0.38 -11.56
N LYS A 83 12.59 -1.48 -11.14
CA LYS A 83 13.22 -1.59 -9.83
C LYS A 83 14.12 -0.38 -9.61
N GLU A 84 14.71 0.08 -10.71
CA GLU A 84 15.64 1.20 -10.70
C GLU A 84 15.07 2.51 -10.17
N THR A 85 13.75 2.67 -10.21
CA THR A 85 13.11 3.91 -9.73
C THR A 85 11.83 3.66 -8.98
N TYR A 86 11.45 2.39 -8.83
CA TYR A 86 10.17 2.09 -8.23
C TYR A 86 9.06 2.83 -8.98
N GLY A 87 9.31 3.12 -10.27
CA GLY A 87 8.32 3.76 -11.12
C GLY A 87 7.29 2.76 -11.60
N LYS A 88 6.02 3.16 -11.56
CA LYS A 88 4.90 2.30 -11.97
C LYS A 88 4.73 1.12 -10.99
N ASP A 89 4.82 1.45 -9.71
CA ASP A 89 4.90 0.48 -8.62
C ASP A 89 3.52 -0.03 -8.20
N TRP A 90 3.01 -1.00 -8.94
CA TRP A 90 1.73 -1.65 -8.61
C TRP A 90 1.70 -3.09 -9.08
N ALA A 91 0.98 -3.91 -8.33
CA ALA A 91 0.84 -5.30 -8.68
C ALA A 91 -0.38 -5.93 -8.01
N LEU A 92 -0.99 -6.87 -8.72
CA LEU A 92 -2.10 -7.63 -8.19
C LEU A 92 -1.69 -9.05 -7.83
N ILE A 93 -2.45 -9.65 -6.94
CA ILE A 93 -2.19 -10.98 -6.47
C ILE A 93 -3.55 -11.63 -6.41
N LYS A 94 -3.68 -12.83 -6.99
CA LYS A 94 -4.92 -13.59 -6.84
C LYS A 94 -4.81 -14.49 -5.65
N LEU A 95 -5.92 -14.74 -5.00
CA LEU A 95 -5.93 -15.67 -3.89
C LEU A 95 -6.53 -17.00 -4.30
N ALA A 96 -6.26 -18.04 -3.50
CA ALA A 96 -6.79 -19.38 -3.74
C ALA A 96 -8.22 -19.47 -3.23
N GLN A 97 -8.43 -19.24 -1.94
CA GLN A 97 -9.74 -18.89 -1.43
C GLN A 97 -10.02 -17.40 -1.67
N PRO A 98 -11.26 -16.96 -1.47
CA PRO A 98 -11.51 -15.54 -1.34
C PRO A 98 -11.68 -15.18 0.12
N ILE A 99 -11.35 -13.95 0.49
CA ILE A 99 -11.56 -13.48 1.84
C ILE A 99 -12.83 -12.71 2.00
N ASN A 100 -13.73 -13.18 2.83
CA ASN A 100 -14.99 -12.47 2.98
C ASN A 100 -14.92 -11.30 3.92
N GLN A 101 -14.28 -10.25 3.45
CA GLN A 101 -14.27 -8.99 4.15
C GLN A 101 -14.58 -7.98 3.12
N PRO A 102 -14.66 -6.73 3.53
CA PRO A 102 -15.14 -5.63 2.71
C PRO A 102 -14.02 -5.06 1.92
N THR A 103 -14.21 -4.73 0.66
CA THR A 103 -13.06 -4.34 -0.15
C THR A 103 -12.95 -2.82 -0.36
N LEU A 104 -11.78 -2.38 -0.85
CA LEU A 104 -11.48 -0.96 -1.00
C LEU A 104 -11.61 -0.51 -2.44
N LYS A 105 -12.44 0.52 -2.64
CA LYS A 105 -12.70 1.09 -3.96
C LYS A 105 -11.47 1.89 -4.40
N ILE A 106 -11.19 1.94 -5.70
CA ILE A 106 -10.02 2.70 -6.17
C ILE A 106 -10.39 3.94 -7.00
N ALA A 107 -9.63 5.03 -6.81
CA ALA A 107 -9.86 6.25 -7.56
C ALA A 107 -9.56 5.98 -9.02
N THR A 108 -10.46 6.44 -9.88
CA THR A 108 -10.38 6.18 -11.31
C THR A 108 -10.22 7.50 -12.02
N THR A 109 -10.15 8.50 -11.32
CA THR A 109 -9.88 9.92 -11.56
C THR A 109 -9.05 10.55 -10.47
N THR A 110 -8.69 11.81 -10.62
CA THR A 110 -7.80 12.48 -9.69
C THR A 110 -8.52 13.32 -8.66
N ALA A 111 -9.81 13.33 -8.76
CA ALA A 111 -10.67 14.18 -7.94
C ALA A 111 -10.27 14.20 -6.47
N TYR A 112 -9.75 13.09 -6.00
CA TYR A 112 -9.54 12.96 -4.59
C TYR A 112 -8.09 13.08 -4.19
N ASN A 113 -7.28 13.71 -5.02
CA ASN A 113 -5.87 13.68 -4.76
C ASN A 113 -5.39 14.91 -3.96
N GLN A 114 -6.17 15.31 -2.96
CA GLN A 114 -5.80 16.42 -2.12
C GLN A 114 -6.05 16.03 -0.67
N GLY A 115 -5.52 16.87 0.21
CA GLY A 115 -5.94 16.90 1.60
C GLY A 115 -5.35 15.77 2.37
N THR A 116 -6.13 15.25 3.31
CA THR A 116 -5.58 14.33 4.27
C THR A 116 -5.90 12.88 3.97
N PHE A 117 -4.84 12.12 3.73
CA PHE A 117 -4.97 10.71 3.44
C PHE A 117 -4.72 9.87 4.66
N THR A 118 -5.51 8.81 4.81
CA THR A 118 -5.21 7.85 5.84
C THR A 118 -4.35 6.72 5.27
N VAL A 119 -3.34 6.34 6.05
CA VAL A 119 -2.43 5.23 5.73
C VAL A 119 -2.37 4.22 6.88
N ALA A 120 -1.98 2.98 6.55
CA ALA A 120 -1.93 1.90 7.52
C ALA A 120 -1.04 0.73 7.04
N GLY A 121 -0.50 -0.01 7.99
CA GLY A 121 0.20 -1.25 7.68
C GLY A 121 0.77 -1.82 8.95
N TRP A 122 1.53 -2.90 8.83
CA TRP A 122 2.24 -3.48 9.95
C TRP A 122 3.74 -3.18 9.99
N GLY A 123 4.22 -2.27 9.14
CA GLY A 123 5.65 -1.92 9.06
C GLY A 123 6.27 -1.33 10.33
N ALA A 124 7.56 -1.01 10.27
CA ALA A 124 8.28 -0.44 11.41
C ALA A 124 7.84 0.97 11.82
N ASN A 125 7.81 1.20 13.14
CA ASN A 125 7.43 2.51 13.69
C ASN A 125 8.62 3.41 13.92
N ARG A 126 9.81 2.83 13.98
CA ARG A 126 11.06 3.58 14.00
C ARG A 126 11.75 3.24 12.69
N GLU A 127 12.49 4.16 12.12
CA GLU A 127 13.26 3.85 10.96
C GLU A 127 14.32 2.89 11.38
N GLY A 128 14.32 1.69 10.81
CA GLY A 128 15.33 0.71 11.13
C GLY A 128 14.82 -0.32 12.08
N GLY A 129 13.64 -0.04 12.58
CA GLY A 129 12.93 -0.84 13.59
C GLY A 129 12.27 -2.11 13.08
N SER A 130 11.69 -2.86 14.04
CA SER A 130 11.04 -4.13 13.73
C SER A 130 9.69 -3.86 13.18
N GLN A 131 9.18 -4.84 12.45
CA GLN A 131 7.78 -4.90 12.05
C GLN A 131 6.89 -4.97 13.27
N GLN A 132 5.66 -4.50 13.15
CA GLN A 132 4.69 -4.55 14.24
C GLN A 132 3.89 -5.85 14.33
N ARG A 133 3.03 -5.94 15.35
CA ARG A 133 2.13 -7.07 15.50
C ARG A 133 0.69 -6.61 15.29
N TYR A 134 0.43 -5.37 15.65
CA TYR A 134 -0.89 -4.80 15.50
C TYR A 134 -0.83 -3.73 14.43
N LEU A 135 -1.80 -3.78 13.52
CA LEU A 135 -1.97 -2.78 12.49
C LEU A 135 -2.05 -1.39 13.08
N LEU A 136 -1.20 -0.50 12.58
CA LEU A 136 -1.17 0.88 12.98
C LEU A 136 -1.78 1.77 11.92
N LYS A 137 -2.44 2.85 12.36
CA LYS A 137 -3.03 3.83 11.46
C LYS A 137 -2.38 5.18 11.71
N ALA A 138 -2.34 6.01 10.66
CA ALA A 138 -1.84 7.39 10.74
C ALA A 138 -2.39 8.31 9.62
N ASN A 139 -2.35 9.61 9.87
CA ASN A 139 -2.78 10.57 8.86
C ASN A 139 -1.63 11.35 8.22
N VAL A 140 -1.75 11.66 6.94
CA VAL A 140 -0.67 12.35 6.27
C VAL A 140 -1.23 13.24 5.19
N PRO A 141 -0.81 14.51 5.17
CA PRO A 141 -1.36 15.45 4.21
C PRO A 141 -0.83 15.27 2.78
N PHE A 142 -1.62 15.70 1.81
CA PHE A 142 -1.14 15.67 0.45
C PHE A 142 0.02 16.62 0.37
N VAL A 143 1.10 16.20 -0.28
CA VAL A 143 2.19 17.09 -0.66
C VAL A 143 2.31 17.24 -2.18
N SER A 144 2.37 18.50 -2.63
CA SER A 144 2.39 18.82 -4.07
C SER A 144 3.60 18.24 -4.79
N ASP A 145 3.45 18.09 -6.10
CA ASP A 145 4.51 17.55 -6.96
C ASP A 145 5.78 18.34 -6.74
N ALA A 146 5.66 19.62 -7.06
CA ALA A 146 6.65 20.66 -6.77
C ALA A 146 7.33 20.54 -5.40
N ALA A 147 6.54 20.69 -4.33
CA ALA A 147 7.08 20.69 -2.97
C ALA A 147 7.95 19.46 -2.75
N CYS A 148 7.42 18.31 -3.19
CA CYS A 148 8.06 17.00 -3.07
C CYS A 148 9.31 16.89 -3.94
N ARG A 149 9.17 17.32 -5.19
CA ARG A 149 10.22 17.33 -6.20
C ARG A 149 11.53 17.84 -5.63
N SER A 150 11.47 19.05 -5.09
CA SER A 150 12.63 19.77 -4.59
C SER A 150 13.24 18.97 -3.47
N SER A 151 12.38 18.54 -2.54
CA SER A 151 12.83 17.92 -1.30
C SER A 151 13.47 16.55 -1.49
N SER A 152 13.39 16.00 -2.69
CA SER A 152 13.81 14.63 -2.89
C SER A 152 15.13 14.51 -3.60
N SER A 153 15.89 13.52 -3.15
CA SER A 153 17.22 13.21 -3.67
C SER A 153 17.17 12.08 -4.64
N PHE A 154 16.01 11.47 -4.80
CA PHE A 154 15.80 10.55 -5.90
C PHE A 154 14.76 11.20 -6.75
N ILE A 155 14.55 10.64 -7.94
CA ILE A 155 13.73 11.32 -8.92
C ILE A 155 12.30 10.84 -8.82
N LEU A 156 11.38 11.78 -9.04
CA LEU A 156 9.98 11.61 -8.73
C LEU A 156 9.21 11.72 -10.00
N VAL A 157 8.41 10.71 -10.33
CA VAL A 157 7.76 10.68 -11.63
C VAL A 157 6.33 11.23 -11.68
N ALA A 158 6.21 12.41 -12.30
CA ALA A 158 4.96 13.17 -12.46
C ALA A 158 3.59 12.51 -12.10
N ASN A 159 2.97 11.81 -13.04
CA ASN A 159 1.64 11.33 -12.72
C ASN A 159 1.63 9.95 -12.07
N GLU A 160 2.76 9.27 -12.08
CA GLU A 160 2.87 7.92 -11.53
C GLU A 160 2.99 7.93 -10.02
N MET A 161 3.53 9.00 -9.46
CA MET A 161 3.80 9.04 -8.03
C MET A 161 3.18 10.26 -7.43
N ILE A 162 2.71 10.10 -6.19
CA ILE A 162 2.06 11.18 -5.42
C ILE A 162 2.60 11.19 -3.99
N CYS A 163 2.83 12.40 -3.45
CA CYS A 163 3.58 12.54 -2.18
C CYS A 163 2.71 12.89 -0.99
N ALA A 164 3.12 12.46 0.19
CA ALA A 164 2.32 12.72 1.39
C ALA A 164 3.07 12.65 2.71
N GLY A 165 2.67 13.54 3.62
CA GLY A 165 3.23 13.58 4.97
C GLY A 165 3.79 14.94 5.32
N TYR A 166 4.70 14.96 6.29
CA TYR A 166 5.13 16.21 6.96
C TYR A 166 6.59 16.53 6.73
N ASP A 167 6.93 17.79 6.98
CA ASP A 167 8.33 18.21 6.95
C ASP A 167 9.08 17.50 8.07
N THR A 168 8.65 17.76 9.30
CA THR A 168 9.41 17.29 10.46
C THR A 168 8.65 16.32 11.36
N LYS A 169 7.34 16.47 11.47
CA LYS A 169 6.53 15.60 12.34
C LYS A 169 6.88 14.12 12.15
N GLN A 170 6.98 13.42 13.29
CA GLN A 170 7.26 11.99 13.37
C GLN A 170 6.05 11.12 13.01
N GLU A 171 5.53 11.28 11.79
CA GLU A 171 4.36 10.52 11.33
C GLU A 171 4.44 10.19 9.82
N ASP A 172 4.76 8.93 9.51
CA ASP A 172 5.07 8.51 8.14
C ASP A 172 4.99 7.01 8.04
N THR A 173 4.83 6.48 6.83
CA THR A 173 4.86 5.03 6.63
C THR A 173 6.30 4.66 6.57
N CYS A 174 6.59 3.39 6.77
CA CYS A 174 7.96 2.98 6.94
C CYS A 174 8.19 1.57 6.44
N GLN A 175 9.46 1.19 6.40
CA GLN A 175 9.90 -0.12 5.94
C GLN A 175 8.96 -1.21 6.43
N GLY A 176 8.40 -1.96 5.48
CA GLY A 176 7.39 -2.97 5.80
C GLY A 176 5.96 -2.54 5.57
N ASP A 177 5.74 -1.35 5.00
CA ASP A 177 4.36 -0.85 4.77
C ASP A 177 3.98 -0.88 3.31
N SER A 178 5.01 -1.03 2.46
CA SER A 178 4.86 -1.07 1.02
C SER A 178 3.71 -1.96 0.67
N GLY A 179 2.89 -1.47 -0.26
CA GLY A 179 1.81 -2.27 -0.79
C GLY A 179 0.50 -1.97 -0.12
N GLY A 180 0.57 -1.54 1.14
CA GLY A 180 -0.63 -1.05 1.80
C GLY A 180 -1.24 0.11 1.04
N PRO A 181 -2.58 0.26 1.10
CA PRO A 181 -3.23 1.37 0.43
C PRO A 181 -3.14 2.73 1.17
N MET A 182 -2.86 3.79 0.43
CA MET A 182 -3.17 5.12 0.91
C MET A 182 -4.54 5.45 0.37
N PHE A 183 -5.42 5.86 1.29
CA PHE A 183 -6.83 6.13 1.00
C PHE A 183 -7.38 7.28 1.86
N ARG A 184 -8.62 7.69 1.54
CA ARG A 184 -9.38 8.79 2.19
C ARG A 184 -10.85 8.71 1.76
N LYS A 185 -11.72 9.46 2.45
CA LYS A 185 -13.16 9.41 2.18
C LYS A 185 -13.50 10.15 0.89
N ASP A 186 -14.52 9.69 0.18
CA ASP A 186 -14.97 10.38 -1.04
C ASP A 186 -16.19 11.21 -0.69
N ASN A 187 -16.88 11.81 -1.66
CA ASN A 187 -18.02 12.64 -1.32
C ASN A 187 -19.22 11.87 -0.80
N ALA A 188 -19.28 10.57 -1.12
CA ALA A 188 -20.40 9.71 -0.73
C ALA A 188 -20.08 8.91 0.53
N ASP A 189 -19.31 9.53 1.42
CA ASP A 189 -18.79 8.87 2.65
C ASP A 189 -18.26 7.43 2.51
N GLU A 190 -17.43 7.18 1.49
CA GLU A 190 -16.73 5.87 1.32
C GLU A 190 -15.22 6.11 1.18
N TRP A 191 -14.43 5.18 1.72
CA TRP A 191 -12.99 5.21 1.49
C TRP A 191 -12.71 4.98 0.01
N VAL A 192 -11.82 5.79 -0.54
CA VAL A 192 -11.32 5.56 -1.89
C VAL A 192 -9.77 5.44 -1.81
N GLN A 193 -9.16 4.64 -2.70
CA GLN A 193 -7.71 4.46 -2.66
C GLN A 193 -7.01 5.39 -3.62
N VAL A 194 -6.07 6.18 -3.11
CA VAL A 194 -5.34 7.13 -3.96
C VAL A 194 -3.88 6.68 -4.13
N GLY A 195 -3.37 5.99 -3.10
CA GLY A 195 -2.01 5.54 -3.13
C GLY A 195 -1.77 4.08 -2.80
N ILE A 196 -0.66 3.55 -3.29
CA ILE A 196 -0.04 2.42 -2.68
C ILE A 196 1.21 2.99 -2.08
N VAL A 197 1.50 2.64 -0.83
CA VAL A 197 2.81 2.87 -0.22
C VAL A 197 3.91 2.31 -1.11
N SER A 198 4.88 3.14 -1.48
CA SER A 198 5.89 2.70 -2.43
C SER A 198 7.31 2.77 -1.88
N TRP A 199 7.75 4.00 -1.59
CA TRP A 199 9.11 4.23 -1.04
C TRP A 199 9.21 5.63 -0.37
N GLY A 200 10.34 5.87 0.30
CA GLY A 200 10.62 7.17 0.85
C GLY A 200 12.08 7.26 1.16
N GLU A 201 12.63 8.44 1.35
CA GLU A 201 13.96 8.51 1.89
C GLU A 201 13.82 8.24 3.38
N GLY A 202 14.26 7.09 3.84
CA GLY A 202 14.20 6.78 5.25
C GLY A 202 12.79 6.90 5.74
N CYS A 203 12.56 6.92 7.04
CA CYS A 203 11.19 7.03 7.55
C CYS A 203 11.05 8.27 8.42
N ALA A 204 10.05 9.08 8.08
CA ALA A 204 9.74 10.31 8.80
C ALA A 204 10.92 11.27 8.92
N ARG A 205 11.77 11.31 7.90
CA ARG A 205 12.91 12.21 7.96
C ARG A 205 12.55 13.68 7.88
N LYS A 206 13.33 14.42 8.66
CA LYS A 206 13.58 15.84 8.54
C LYS A 206 13.69 16.18 7.05
N GLY A 207 12.71 16.93 6.54
CA GLY A 207 12.75 17.44 5.17
C GLY A 207 12.45 16.42 4.10
N LYS A 208 12.05 15.23 4.52
CA LYS A 208 11.74 14.16 3.61
C LYS A 208 10.33 13.67 3.74
N TYR A 209 9.76 13.33 2.60
CA TYR A 209 8.43 12.80 2.53
C TYR A 209 8.31 11.33 2.17
N GLY A 210 7.05 10.92 2.05
CA GLY A 210 6.67 9.58 1.63
C GLY A 210 6.06 9.58 0.23
N VAL A 211 6.55 8.64 -0.58
CA VAL A 211 6.09 8.51 -1.97
C VAL A 211 5.14 7.35 -2.13
N TYR A 212 4.11 7.57 -2.94
CA TYR A 212 3.07 6.58 -3.12
C TYR A 212 2.69 6.40 -4.59
N THR A 213 2.48 5.16 -5.01
CA THR A 213 2.05 4.90 -6.38
C THR A 213 0.70 5.55 -6.55
N GLU A 214 0.58 6.42 -7.55
CA GLU A 214 -0.63 7.21 -7.75
C GLU A 214 -1.71 6.39 -8.42
N VAL A 215 -2.42 5.61 -7.61
CA VAL A 215 -3.51 4.74 -8.08
C VAL A 215 -4.30 5.29 -9.29
N SER A 216 -4.76 6.55 -9.20
CA SER A 216 -5.60 7.17 -10.21
C SER A 216 -5.03 7.05 -11.63
N THR A 217 -3.73 7.24 -11.76
CA THR A 217 -3.08 7.11 -13.05
C THR A 217 -3.11 5.69 -13.62
N PHE A 218 -3.07 4.66 -12.76
CA PHE A 218 -3.06 3.24 -13.18
C PHE A 218 -4.38 2.51 -13.02
N ALA A 219 -5.33 3.16 -12.35
CA ALA A 219 -6.60 2.54 -12.02
C ALA A 219 -7.16 1.86 -13.23
N SER A 220 -7.09 2.58 -14.34
CA SER A 220 -7.53 2.05 -15.61
C SER A 220 -6.82 0.73 -15.87
N ALA A 221 -5.49 0.83 -16.02
CA ALA A 221 -4.60 -0.30 -16.35
C ALA A 221 -4.72 -1.43 -15.35
N ILE A 222 -5.15 -1.08 -14.15
CA ILE A 222 -5.30 -2.05 -13.09
C ILE A 222 -6.61 -2.75 -13.27
N ALA A 223 -7.67 -1.96 -13.38
CA ALA A 223 -9.01 -2.51 -13.50
C ALA A 223 -8.99 -3.58 -14.59
N SER A 224 -8.29 -3.27 -15.70
CA SER A 224 -8.20 -4.17 -16.83
C SER A 224 -7.40 -5.44 -16.60
N ALA A 225 -6.51 -5.42 -15.62
CA ALA A 225 -5.70 -6.60 -15.37
C ALA A 225 -6.39 -7.59 -14.44
N ALA A 226 -7.16 -7.11 -13.48
CA ALA A 226 -7.89 -8.02 -12.60
C ALA A 226 -8.85 -8.90 -13.40
N ARG A 227 -9.59 -8.29 -14.32
CA ARG A 227 -10.55 -9.00 -15.17
C ARG A 227 -9.99 -10.21 -15.97
N THR A 228 -8.67 -10.28 -16.15
CA THR A 228 -8.03 -11.47 -16.73
C THR A 228 -7.62 -12.48 -15.67
N LEU A 229 -7.53 -12.03 -14.42
CA LEU A 229 -7.16 -12.91 -13.31
C LEU A 229 -8.36 -13.68 -12.75
NA NA B . 8.94 14.35 8.10
C1 BEN C . 8.72 4.45 3.23
C2 BEN C . 9.85 3.74 3.66
C3 BEN C . 10.06 2.40 3.28
C4 BEN C . 9.13 1.74 2.48
C5 BEN C . 7.99 2.44 2.06
C6 BEN C . 7.80 3.78 2.43
C BEN C . 8.50 5.82 3.59
N1 BEN C . 9.33 6.57 4.31
N2 BEN C . 7.41 6.47 3.23
S SO4 D . 9.78 -2.11 1.85
O1 SO4 D . 10.24 -1.07 0.90
O2 SO4 D . 8.77 -1.51 2.72
O3 SO4 D . 9.24 -3.22 1.06
O4 SO4 D . 10.81 -2.62 2.75
S SO4 E . 6.73 4.81 -20.54
O1 SO4 E . 5.38 5.39 -20.50
O2 SO4 E . 6.65 3.39 -20.89
O3 SO4 E . 7.38 4.94 -19.24
O4 SO4 E . 7.56 5.53 -21.51
S SO4 F . -10.05 17.11 3.34
O1 SO4 F . -9.53 17.85 4.49
O2 SO4 F . -11.44 17.51 3.05
O3 SO4 F . -9.20 17.42 2.21
O4 SO4 F . -9.93 15.67 3.55
S SO4 G . 5.34 19.70 9.62
O1 SO4 G . 5.74 21.07 9.31
O2 SO4 G . 4.84 19.50 10.99
O3 SO4 G . 4.26 19.41 8.66
O4 SO4 G . 6.52 18.83 9.53
#